data_4MM7
#
_entry.id   4MM7
#
_cell.length_a   87.593
_cell.length_b   88.016
_cell.length_c   81.447
_cell.angle_alpha   90.00
_cell.angle_beta   95.04
_cell.angle_gamma   90.00
#
_symmetry.space_group_name_H-M   'C 1 2 1'
#
loop_
_entity.id
_entity.type
_entity.pdbx_description
1 polymer Transporter
2 non-polymer 'SODIUM ION'
3 non-polymer 4-[(1R)-2-(dimethylamino)-1-(1-hydroxycyclohexyl)ethyl]phenol
4 water water
#
_entity_poly.entity_id   1
_entity_poly.type   'polypeptide(L)'
_entity_poly.pdbx_seq_one_letter_code
;MEVKREHWATRLGLILAMAGYAVDLGNFLRFPVQAAENGGGAFMIPYIIAFLLVGIPLMWIEWAMGRYGGAQGHGTTPAI
FYLLWRNRFAKILGVFGLWIPLVVASYYVYIESWTLGFAIKFLVGLVPEPPPNATDPDSILRPFKEFLYSYIGVPKGDEP
ILKPSLFAYIVFLITMFINVSILIRGISKGIERFAKIAMPTLFILAVFLVIRVFLLETPNGTAADGLNFLWTPDFEKLKD
PGVWIAAVGQIFFSLGLGFGVLITFASYVRKDQDIVLSGLTAATLNEKASVILGGSISIPAAVAFFGVANAVAIAKAGAF
NLGFITLPAIFSQTAGGTFLGFLWFFLLFFAGLTSSIAGMQGMIAFLEDELKLSRKHAVLWTAAIVFFSAHLVMFLNKSL
DEMDFWATGIGVVFFGLTELIIFFWIFGADKAWEEINRGGIIKVPRIYYYVMRYITPAFLAVLLVVWAREYIPKIMEETH
WTVWITRFYIIGLFLFLTFLVFLAERRRNHESAGTLVPR
;
_entity_poly.pdbx_strand_id   A
#
loop_
_chem_comp.id
_chem_comp.type
_chem_comp.name
_chem_comp.formula
29J non-polymer 4-[(1R)-2-(dimethylamino)-1-(1-hydroxycyclohexyl)ethyl]phenol 'C16 H25 N O2'
NA non-polymer 'SODIUM ION' 'Na 1'
#
# COMPACT_ATOMS: atom_id res chain seq x y z
N ARG A 5 -25.48 -10.66 2.56
CA ARG A 5 -24.17 -10.02 2.48
C ARG A 5 -23.48 -10.36 1.15
N GLU A 6 -22.76 -9.38 0.60
CA GLU A 6 -22.03 -9.59 -0.63
C GLU A 6 -20.93 -10.64 -0.44
N HIS A 7 -20.60 -11.35 -1.51
CA HIS A 7 -19.55 -12.35 -1.47
C HIS A 7 -18.74 -12.31 -2.77
N TRP A 8 -17.50 -12.77 -2.69
CA TRP A 8 -16.69 -12.94 -3.88
C TRP A 8 -17.33 -14.04 -4.73
N ALA A 9 -17.32 -13.87 -6.05
CA ALA A 9 -17.94 -14.85 -6.93
C ALA A 9 -17.04 -16.07 -7.15
N THR A 10 -15.79 -15.81 -7.50
CA THR A 10 -14.86 -16.87 -7.84
C THR A 10 -13.64 -16.85 -6.94
N ARG A 11 -13.11 -18.04 -6.64
CA ARG A 11 -11.87 -18.17 -5.88
C ARG A 11 -10.74 -17.41 -6.54
N LEU A 12 -10.69 -17.46 -7.87
CA LEU A 12 -9.67 -16.74 -8.63
C LEU A 12 -9.77 -15.24 -8.37
N GLY A 13 -10.96 -14.69 -8.59
CA GLY A 13 -11.20 -13.28 -8.39
C GLY A 13 -10.82 -12.79 -7.01
N LEU A 14 -11.07 -13.62 -6.00
CA LEU A 14 -10.66 -13.33 -4.63
C LEU A 14 -9.16 -13.09 -4.54
N ILE A 15 -8.40 -14.02 -5.12
CA ILE A 15 -6.94 -13.95 -5.07
C ILE A 15 -6.42 -12.73 -5.83
N LEU A 16 -7.08 -12.40 -6.94
CA LEU A 16 -6.64 -11.29 -7.78
C LEU A 16 -6.96 -9.95 -7.15
N ALA A 17 -8.06 -9.90 -6.38
CA ALA A 17 -8.42 -8.69 -5.66
C ALA A 17 -7.47 -8.47 -4.49
N MET A 18 -7.17 -9.55 -3.77
CA MET A 18 -6.25 -9.51 -2.65
C MET A 18 -4.84 -9.17 -3.11
N ALA A 19 -4.39 -9.81 -4.18
CA ALA A 19 -3.09 -9.53 -4.75
C ALA A 19 -3.08 -8.13 -5.35
N GLY A 20 -4.22 -7.73 -5.91
CA GLY A 20 -4.39 -6.40 -6.45
C GLY A 20 -4.16 -5.34 -5.39
N TYR A 21 -4.72 -5.57 -4.20
CA TYR A 21 -4.47 -4.72 -3.05
C TYR A 21 -2.98 -4.62 -2.75
N ALA A 22 -2.34 -5.76 -2.53
CA ALA A 22 -0.94 -5.81 -2.11
C ALA A 22 0.06 -5.30 -3.17
N VAL A 23 -0.21 -5.59 -4.44
CA VAL A 23 0.63 -5.10 -5.52
C VAL A 23 0.38 -3.61 -5.71
N ASP A 24 1.41 -2.81 -5.49
CA ASP A 24 1.28 -1.35 -5.51
C ASP A 24 2.54 -0.71 -6.06
N LEU A 25 2.65 0.60 -5.87
CA LEU A 25 3.85 1.32 -6.28
C LEU A 25 5.05 0.87 -5.45
N GLY A 26 4.79 0.29 -4.28
CA GLY A 26 5.86 -0.20 -3.43
C GLY A 26 6.59 -1.37 -4.06
N ASN A 27 5.88 -2.13 -4.88
CA ASN A 27 6.48 -3.27 -5.55
C ASN A 27 7.55 -2.84 -6.54
N PHE A 28 7.27 -1.75 -7.25
CA PHE A 28 8.14 -1.30 -8.33
C PHE A 28 9.15 -0.23 -7.92
N LEU A 29 8.88 0.45 -6.81
CA LEU A 29 9.75 1.54 -6.40
C LEU A 29 10.34 1.36 -5.00
N ARG A 30 9.47 1.18 -4.00
CA ARG A 30 9.93 1.12 -2.61
C ARG A 30 10.80 -0.10 -2.34
N PHE A 31 10.31 -1.27 -2.74
CA PHE A 31 11.05 -2.51 -2.55
C PHE A 31 12.46 -2.52 -3.16
N PRO A 32 12.60 -2.14 -4.45
CA PRO A 32 13.95 -2.10 -5.03
C PRO A 32 14.91 -1.17 -4.30
N VAL A 33 14.43 0.01 -3.89
CA VAL A 33 15.25 0.97 -3.17
C VAL A 33 15.75 0.40 -1.83
N GLN A 34 14.84 -0.20 -1.07
CA GLN A 34 15.20 -0.83 0.20
C GLN A 34 16.27 -1.91 0.04
N ALA A 35 16.10 -2.75 -0.98
CA ALA A 35 17.02 -3.86 -1.23
C ALA A 35 18.43 -3.38 -1.54
N ALA A 36 18.52 -2.31 -2.32
CA ALA A 36 19.80 -1.78 -2.78
C ALA A 36 20.62 -1.16 -1.65
N GLU A 37 19.94 -0.58 -0.68
CA GLU A 37 20.60 0.10 0.43
C GLU A 37 20.92 -0.83 1.58
N ASN A 38 20.38 -2.04 1.55
CA ASN A 38 20.52 -2.94 2.69
C ASN A 38 21.07 -4.33 2.35
N GLY A 39 22.11 -4.36 1.51
CA GLY A 39 22.81 -5.61 1.24
C GLY A 39 22.53 -6.23 -0.12
N GLY A 40 21.70 -5.58 -0.93
CA GLY A 40 21.38 -6.08 -2.25
C GLY A 40 20.69 -7.43 -2.22
N GLY A 41 21.40 -8.46 -2.67
CA GLY A 41 20.88 -9.81 -2.64
C GLY A 41 20.89 -10.37 -1.23
N ALA A 42 21.76 -9.84 -0.38
CA ALA A 42 21.85 -10.28 1.00
C ALA A 42 20.64 -9.81 1.80
N PHE A 43 19.95 -8.81 1.26
CA PHE A 43 18.74 -8.28 1.88
C PHE A 43 17.60 -9.30 1.82
N MET A 44 17.74 -10.28 0.94
CA MET A 44 16.74 -11.34 0.82
C MET A 44 16.73 -12.23 2.06
N ILE A 45 17.85 -12.31 2.76
CA ILE A 45 17.92 -13.12 3.97
C ILE A 45 17.01 -12.61 5.09
N PRO A 46 17.13 -11.34 5.49
CA PRO A 46 16.19 -10.90 6.52
C PRO A 46 14.79 -10.64 5.98
N TYR A 47 14.65 -10.53 4.66
CA TYR A 47 13.34 -10.26 4.06
C TYR A 47 12.49 -11.51 4.04
N ILE A 48 13.07 -12.63 3.62
CA ILE A 48 12.37 -13.90 3.58
C ILE A 48 12.00 -14.33 4.99
N ILE A 49 12.93 -14.13 5.92
CA ILE A 49 12.73 -14.45 7.33
C ILE A 49 11.53 -13.70 7.93
N ALA A 50 11.39 -12.43 7.56
CA ALA A 50 10.25 -11.64 8.01
C ALA A 50 8.98 -12.08 7.32
N PHE A 51 9.12 -12.58 6.10
CA PHE A 51 7.97 -13.07 5.34
C PHE A 51 7.38 -14.30 5.99
N LEU A 52 8.24 -15.07 6.66
CA LEU A 52 7.82 -16.33 7.26
C LEU A 52 7.40 -16.19 8.72
N LEU A 53 8.08 -15.32 9.46
CA LEU A 53 7.80 -15.18 10.88
C LEU A 53 6.74 -14.12 11.18
N VAL A 54 6.60 -13.14 10.28
CA VAL A 54 5.72 -12.01 10.54
C VAL A 54 4.62 -11.84 9.50
N GLY A 55 5.02 -11.81 8.22
CA GLY A 55 4.09 -11.54 7.14
C GLY A 55 3.01 -12.58 6.99
N ILE A 56 3.41 -13.78 6.61
CA ILE A 56 2.48 -14.90 6.47
C ILE A 56 1.60 -15.16 7.71
N PRO A 57 2.20 -15.22 8.91
CA PRO A 57 1.38 -15.42 10.11
C PRO A 57 0.31 -14.35 10.28
N LEU A 58 0.70 -13.08 10.14
CA LEU A 58 -0.23 -11.98 10.33
C LEU A 58 -1.29 -11.97 9.24
N MET A 59 -0.89 -12.36 8.04
CA MET A 59 -1.80 -12.38 6.90
C MET A 59 -2.94 -13.37 7.10
N TRP A 60 -2.60 -14.58 7.54
CA TRP A 60 -3.62 -15.60 7.84
C TRP A 60 -4.57 -15.12 8.92
N ILE A 61 -4.02 -14.43 9.91
CA ILE A 61 -4.79 -13.92 11.04
C ILE A 61 -5.82 -12.89 10.61
N GLU A 62 -5.42 -11.98 9.72
CA GLU A 62 -6.35 -10.97 9.22
C GLU A 62 -7.44 -11.59 8.33
N TRP A 63 -7.07 -12.62 7.58
CA TRP A 63 -8.06 -13.38 6.81
C TRP A 63 -9.02 -14.10 7.75
N ALA A 64 -8.47 -14.65 8.84
CA ALA A 64 -9.26 -15.35 9.83
C ALA A 64 -10.27 -14.44 10.51
N MET A 65 -9.80 -13.31 11.02
CA MET A 65 -10.67 -12.35 11.68
C MET A 65 -11.73 -11.84 10.72
N GLY A 66 -11.33 -11.62 9.48
CA GLY A 66 -12.23 -11.14 8.46
C GLY A 66 -13.39 -12.07 8.24
N ARG A 67 -13.09 -13.32 7.89
CA ARG A 67 -14.12 -14.32 7.61
C ARG A 67 -14.99 -14.57 8.84
N TYR A 68 -14.35 -14.73 9.99
CA TYR A 68 -15.07 -14.91 11.24
C TYR A 68 -16.07 -13.79 11.46
N GLY A 69 -15.65 -12.56 11.14
CA GLY A 69 -16.52 -11.40 11.28
C GLY A 69 -17.58 -11.32 10.20
N GLY A 70 -17.21 -11.63 8.97
CA GLY A 70 -18.10 -11.53 7.83
C GLY A 70 -19.33 -12.42 7.96
N ALA A 71 -19.13 -13.60 8.54
CA ALA A 71 -20.22 -14.55 8.74
C ALA A 71 -21.32 -13.96 9.64
N GLN A 72 -20.92 -13.06 10.53
CA GLN A 72 -21.87 -12.41 11.43
C GLN A 72 -22.26 -11.00 10.96
N GLY A 73 -22.02 -10.70 9.69
CA GLY A 73 -22.49 -9.48 9.07
C GLY A 73 -21.68 -8.23 9.35
N HIS A 74 -20.46 -8.42 9.86
CA HIS A 74 -19.60 -7.28 10.20
C HIS A 74 -18.23 -7.40 9.55
N GLY A 75 -17.83 -6.38 8.80
CA GLY A 75 -16.59 -6.41 8.08
C GLY A 75 -15.45 -5.58 8.64
N THR A 76 -15.75 -4.75 9.65
CA THR A 76 -14.76 -3.83 10.18
C THR A 76 -14.35 -4.15 11.62
N THR A 77 -13.17 -3.67 12.01
CA THR A 77 -12.60 -3.94 13.33
C THR A 77 -13.31 -3.35 14.56
N PRO A 78 -14.05 -2.22 14.41
CA PRO A 78 -14.83 -1.82 15.58
C PRO A 78 -15.82 -2.89 16.02
N ALA A 79 -16.48 -3.53 15.06
CA ALA A 79 -17.41 -4.61 15.36
C ALA A 79 -16.66 -5.91 15.66
N ILE A 80 -15.70 -6.24 14.81
CA ILE A 80 -14.98 -7.50 14.92
C ILE A 80 -14.19 -7.64 16.23
N PHE A 81 -13.47 -6.59 16.63
CA PHE A 81 -12.73 -6.61 17.89
C PHE A 81 -13.66 -6.84 19.09
N TYR A 82 -14.90 -6.37 18.96
CA TYR A 82 -15.88 -6.54 20.02
C TYR A 82 -16.33 -7.99 20.08
N LEU A 83 -16.35 -8.64 18.92
CA LEU A 83 -16.74 -10.04 18.81
C LEU A 83 -15.66 -10.99 19.36
N LEU A 84 -14.40 -10.60 19.21
CA LEU A 84 -13.31 -11.42 19.73
C LEU A 84 -13.08 -11.08 21.20
N TRP A 85 -13.46 -9.87 21.58
CA TRP A 85 -13.24 -9.39 22.93
C TRP A 85 -14.35 -8.38 23.27
N ARG A 86 -15.27 -8.79 24.12
CA ARG A 86 -16.41 -7.95 24.46
C ARG A 86 -16.06 -6.96 25.56
N ASN A 87 -15.32 -5.93 25.16
CA ASN A 87 -14.94 -4.85 26.04
C ASN A 87 -15.37 -3.56 25.38
N ARG A 88 -15.36 -2.46 26.12
CA ARG A 88 -15.61 -1.16 25.53
C ARG A 88 -14.35 -0.68 24.83
N PHE A 89 -13.20 -1.00 25.43
CA PHE A 89 -11.90 -0.63 24.90
C PHE A 89 -11.65 -1.32 23.56
N ALA A 90 -12.30 -2.47 23.37
CA ALA A 90 -12.13 -3.26 22.17
C ALA A 90 -12.76 -2.57 20.95
N LYS A 91 -13.91 -1.95 21.15
CA LYS A 91 -14.53 -1.16 20.09
C LYS A 91 -13.67 0.04 19.73
N ILE A 92 -13.06 0.65 20.75
CA ILE A 92 -12.26 1.84 20.57
C ILE A 92 -11.00 1.56 19.77
N LEU A 93 -10.28 0.51 20.15
CA LEU A 93 -9.09 0.09 19.44
C LEU A 93 -9.42 -0.27 18.00
N GLY A 94 -10.64 -0.76 17.79
CA GLY A 94 -11.08 -1.15 16.47
C GLY A 94 -11.21 0.02 15.51
N VAL A 95 -11.45 1.21 16.07
CA VAL A 95 -11.57 2.43 15.27
C VAL A 95 -10.29 2.72 14.49
N PHE A 96 -9.15 2.39 15.06
CA PHE A 96 -7.87 2.58 14.38
C PHE A 96 -7.87 1.92 13.02
N GLY A 97 -8.40 0.70 12.96
CA GLY A 97 -8.44 -0.06 11.73
C GLY A 97 -9.47 0.44 10.75
N LEU A 98 -10.22 1.45 11.16
CA LEU A 98 -11.16 2.12 10.29
C LEU A 98 -10.58 3.49 9.97
N TRP A 99 -9.70 3.94 10.87
CA TRP A 99 -9.08 5.25 10.79
C TRP A 99 -7.83 5.24 9.93
N ILE A 100 -7.01 4.20 10.07
CA ILE A 100 -5.78 4.07 9.30
C ILE A 100 -5.95 4.17 7.77
N PRO A 101 -6.81 3.32 7.17
CA PRO A 101 -6.87 3.34 5.71
C PRO A 101 -7.55 4.61 5.17
N LEU A 102 -8.36 5.23 6.01
CA LEU A 102 -9.02 6.49 5.65
C LEU A 102 -8.01 7.63 5.59
N VAL A 103 -7.02 7.59 6.48
CA VAL A 103 -5.99 8.62 6.49
C VAL A 103 -5.12 8.45 5.25
N VAL A 104 -4.80 7.21 4.95
CA VAL A 104 -4.01 6.90 3.75
C VAL A 104 -4.75 7.32 2.48
N ALA A 105 -6.03 7.00 2.42
CA ALA A 105 -6.87 7.36 1.29
C ALA A 105 -6.86 8.87 1.01
N SER A 106 -6.54 9.63 2.04
CA SER A 106 -6.61 11.07 1.96
C SER A 106 -5.45 11.60 1.13
N TYR A 107 -4.38 10.81 1.05
CA TYR A 107 -3.24 11.18 0.23
C TYR A 107 -2.92 10.17 -0.89
N TYR A 108 -3.32 8.91 -0.72
CA TYR A 108 -2.97 7.89 -1.69
C TYR A 108 -3.68 8.09 -3.02
N VAL A 109 -5.01 8.18 -2.96
CA VAL A 109 -5.83 8.48 -4.14
C VAL A 109 -5.25 9.66 -4.93
N TYR A 110 -4.74 10.64 -4.20
CA TYR A 110 -4.13 11.81 -4.81
C TYR A 110 -2.83 11.45 -5.56
N ILE A 111 -1.97 10.68 -4.90
CA ILE A 111 -0.73 10.24 -5.52
C ILE A 111 -1.03 9.35 -6.72
N GLU A 112 -2.08 8.55 -6.58
CA GLU A 112 -2.59 7.74 -7.67
C GLU A 112 -3.02 8.62 -8.84
N SER A 113 -3.57 9.78 -8.53
CA SER A 113 -4.03 10.69 -9.59
C SER A 113 -2.86 11.24 -10.39
N TRP A 114 -1.71 11.43 -9.72
CA TRP A 114 -0.50 11.94 -10.38
C TRP A 114 -0.10 11.05 -11.54
N THR A 115 -0.02 9.75 -11.25
CA THR A 115 0.32 8.75 -12.25
C THR A 115 -0.64 8.84 -13.43
N LEU A 116 -1.93 9.01 -13.16
CA LEU A 116 -2.90 9.15 -14.23
C LEU A 116 -2.58 10.40 -15.05
N GLY A 117 -2.34 11.52 -14.37
CA GLY A 117 -2.05 12.77 -15.04
C GLY A 117 -0.77 12.73 -15.85
N PHE A 118 0.26 12.12 -15.28
CA PHE A 118 1.53 11.95 -15.98
C PHE A 118 1.37 11.04 -17.19
N ALA A 119 0.61 9.97 -17.00
CA ALA A 119 0.36 9.03 -18.09
C ALA A 119 -0.34 9.72 -19.25
N ILE A 120 -1.27 10.62 -18.94
CA ILE A 120 -1.95 11.36 -20.00
C ILE A 120 -0.99 12.32 -20.70
N LYS A 121 -0.18 13.04 -19.91
CA LYS A 121 0.75 14.01 -20.46
C LYS A 121 1.80 13.33 -21.33
N PHE A 122 2.19 12.12 -20.94
CA PHE A 122 3.18 11.36 -21.69
C PHE A 122 2.60 10.80 -22.98
N LEU A 123 1.34 10.38 -22.93
CA LEU A 123 0.67 9.81 -24.09
C LEU A 123 0.50 10.83 -25.21
N VAL A 124 0.12 12.06 -24.85
CA VAL A 124 -0.08 13.11 -25.83
C VAL A 124 1.22 13.86 -26.12
N GLY A 125 2.28 13.45 -25.44
CA GLY A 125 3.58 14.06 -25.64
C GLY A 125 3.80 15.43 -25.02
N LEU A 126 2.95 15.82 -24.06
CA LEU A 126 3.11 17.10 -23.39
C LEU A 126 4.11 17.01 -22.23
N VAL A 127 5.37 16.76 -22.56
CA VAL A 127 6.41 16.53 -21.56
C VAL A 127 7.68 17.32 -21.94
N PRO A 128 8.59 17.53 -20.97
CA PRO A 128 9.81 18.29 -21.30
C PRO A 128 10.72 17.51 -22.23
N GLU A 129 11.48 18.22 -23.06
CA GLU A 129 12.38 17.57 -23.99
C GLU A 129 13.78 18.20 -23.93
N PRO A 130 14.60 17.73 -22.98
CA PRO A 130 16.00 18.17 -22.83
C PRO A 130 16.86 17.58 -23.96
N PRO A 131 18.07 18.14 -24.19
CA PRO A 131 18.75 19.23 -23.49
C PRO A 131 18.08 20.59 -23.69
N THR A 135 23.88 15.18 -22.54
CA THR A 135 24.91 16.07 -21.99
C THR A 135 25.31 15.65 -20.57
N ASP A 136 24.74 16.32 -19.57
CA ASP A 136 25.07 16.06 -18.17
C ASP A 136 23.80 15.79 -17.34
N PRO A 137 23.90 14.90 -16.33
CA PRO A 137 22.75 14.41 -15.56
C PRO A 137 21.84 15.50 -15.00
N ASP A 138 22.42 16.57 -14.47
CA ASP A 138 21.62 17.64 -13.88
C ASP A 138 20.89 18.43 -14.97
N SER A 139 21.45 18.41 -16.18
CA SER A 139 20.83 19.12 -17.30
C SER A 139 19.68 18.32 -17.89
N ILE A 140 19.61 17.04 -17.55
CA ILE A 140 18.54 16.17 -18.03
C ILE A 140 17.47 16.00 -16.98
N LEU A 141 17.88 15.87 -15.73
CA LEU A 141 16.95 15.65 -14.62
C LEU A 141 16.15 16.90 -14.29
N ARG A 142 16.80 18.06 -14.28
CA ARG A 142 16.15 19.32 -13.90
C ARG A 142 14.87 19.68 -14.66
N PRO A 143 14.83 19.50 -15.99
CA PRO A 143 13.57 19.77 -16.68
C PRO A 143 12.41 18.92 -16.20
N PHE A 144 12.72 17.73 -15.67
CA PHE A 144 11.70 16.82 -15.16
C PHE A 144 11.41 17.05 -13.68
N LYS A 145 12.45 17.41 -12.93
CA LYS A 145 12.30 17.80 -11.53
C LYS A 145 11.33 18.98 -11.46
N GLU A 146 11.40 19.84 -12.47
CA GLU A 146 10.54 21.01 -12.52
C GLU A 146 9.16 20.64 -13.06
N PHE A 147 9.12 19.63 -13.92
CA PHE A 147 7.87 19.15 -14.48
C PHE A 147 6.95 18.65 -13.38
N LEU A 148 7.52 17.92 -12.43
CA LEU A 148 6.78 17.40 -11.29
C LEU A 148 6.35 18.51 -10.33
N TYR A 149 7.28 19.41 -10.01
CA TYR A 149 7.02 20.47 -9.03
C TYR A 149 5.91 21.42 -9.48
N SER A 150 5.75 21.59 -10.80
CA SER A 150 4.69 22.44 -11.34
C SER A 150 3.35 21.71 -11.28
N TYR A 151 3.40 20.39 -11.28
CA TYR A 151 2.20 19.57 -11.20
C TYR A 151 1.70 19.57 -9.76
N ILE A 152 2.58 19.22 -8.83
CA ILE A 152 2.25 19.21 -7.41
C ILE A 152 1.97 20.61 -6.91
N GLY A 153 2.74 21.57 -7.38
CA GLY A 153 2.65 22.94 -6.91
C GLY A 153 3.57 23.18 -5.73
N VAL A 154 4.71 22.49 -5.74
CA VAL A 154 5.74 22.63 -4.71
C VAL A 154 6.07 24.10 -4.47
N PRO A 155 6.01 24.54 -3.20
CA PRO A 155 6.21 25.94 -2.82
C PRO A 155 7.53 26.51 -3.32
N LYS A 156 7.49 27.67 -3.97
CA LYS A 156 8.70 28.34 -4.42
C LYS A 156 9.21 29.30 -3.34
N GLY A 157 8.33 29.68 -2.43
CA GLY A 157 8.69 30.59 -1.36
C GLY A 157 8.84 29.88 -0.03
N ASP A 158 8.88 30.66 1.05
CA ASP A 158 9.05 30.11 2.39
C ASP A 158 7.74 29.58 2.97
N GLU A 159 6.64 29.98 2.35
CA GLU A 159 5.32 29.50 2.75
C GLU A 159 5.21 28.01 2.50
N PRO A 160 4.51 27.29 3.40
CA PRO A 160 4.29 25.85 3.22
C PRO A 160 3.02 25.60 2.43
N ILE A 161 2.85 26.31 1.33
CA ILE A 161 1.62 26.22 0.54
C ILE A 161 1.83 25.65 -0.85
N LEU A 162 1.16 24.53 -1.11
CA LEU A 162 1.18 23.90 -2.42
C LEU A 162 0.14 24.56 -3.32
N LYS A 163 0.52 24.77 -4.58
CA LYS A 163 -0.42 25.29 -5.57
C LYS A 163 -0.47 24.36 -6.78
N PRO A 164 -1.19 23.24 -6.64
CA PRO A 164 -1.30 22.26 -7.72
C PRO A 164 -1.95 22.90 -8.94
N SER A 165 -1.55 22.47 -10.12
CA SER A 165 -2.10 22.99 -11.36
C SER A 165 -3.57 22.62 -11.49
N LEU A 166 -4.29 23.39 -12.29
CA LEU A 166 -5.67 23.10 -12.60
C LEU A 166 -5.82 21.69 -13.19
N PHE A 167 -4.83 21.27 -13.97
CA PHE A 167 -4.84 19.93 -14.58
C PHE A 167 -4.70 18.85 -13.52
N ALA A 168 -3.73 19.04 -12.62
CA ALA A 168 -3.52 18.12 -11.51
C ALA A 168 -4.78 17.91 -10.69
N TYR A 169 -5.49 19.00 -10.42
CA TYR A 169 -6.71 18.96 -9.63
C TYR A 169 -7.83 18.25 -10.38
N ILE A 170 -7.93 18.55 -11.68
CA ILE A 170 -8.95 17.92 -12.53
C ILE A 170 -8.76 16.42 -12.67
N VAL A 171 -7.50 15.99 -12.77
CA VAL A 171 -7.23 14.56 -12.88
C VAL A 171 -7.57 13.87 -11.57
N PHE A 172 -7.29 14.55 -10.46
CA PHE A 172 -7.68 14.06 -9.14
C PHE A 172 -9.18 13.80 -9.08
N LEU A 173 -9.98 14.73 -9.60
CA LEU A 173 -11.43 14.55 -9.67
C LEU A 173 -11.78 13.32 -10.49
N ILE A 174 -11.23 13.24 -11.69
CA ILE A 174 -11.44 12.11 -12.59
C ILE A 174 -11.07 10.81 -11.89
N THR A 175 -9.91 10.81 -11.25
CA THR A 175 -9.43 9.64 -10.51
C THR A 175 -10.44 9.21 -9.45
N MET A 176 -10.89 10.17 -8.64
CA MET A 176 -11.92 9.92 -7.63
C MET A 176 -13.15 9.33 -8.26
N PHE A 177 -13.57 9.91 -9.38
CA PHE A 177 -14.72 9.42 -10.12
C PHE A 177 -14.50 7.98 -10.57
N ILE A 178 -13.29 7.65 -11.01
CA ILE A 178 -12.99 6.29 -11.44
C ILE A 178 -13.10 5.29 -10.28
N ASN A 179 -12.57 5.66 -9.12
CA ASN A 179 -12.69 4.83 -7.92
C ASN A 179 -14.14 4.58 -7.56
N VAL A 180 -14.94 5.63 -7.63
CA VAL A 180 -16.35 5.55 -7.28
C VAL A 180 -17.09 4.60 -8.21
N SER A 181 -16.76 4.69 -9.50
CA SER A 181 -17.40 3.87 -10.55
C SER A 181 -17.30 2.38 -10.25
N ILE A 182 -16.08 1.92 -9.97
CA ILE A 182 -15.87 0.53 -9.59
C ILE A 182 -16.57 0.20 -8.27
N LEU A 183 -16.30 1.00 -7.24
CA LEU A 183 -16.81 0.72 -5.89
C LEU A 183 -18.33 0.66 -5.80
N ILE A 184 -19.02 1.45 -6.62
CA ILE A 184 -20.47 1.54 -6.52
C ILE A 184 -21.17 0.33 -7.15
N ARG A 185 -20.40 -0.52 -7.83
CA ARG A 185 -20.95 -1.74 -8.43
C ARG A 185 -20.85 -2.92 -7.48
N GLY A 186 -20.08 -2.76 -6.40
CA GLY A 186 -20.01 -3.76 -5.37
C GLY A 186 -18.76 -4.62 -5.37
N ILE A 187 -18.76 -5.64 -4.51
CA ILE A 187 -17.61 -6.53 -4.34
C ILE A 187 -17.30 -7.36 -5.58
N SER A 188 -18.29 -8.10 -6.07
CA SER A 188 -18.07 -9.01 -7.20
C SER A 188 -18.08 -8.28 -8.55
N LYS A 189 -19.22 -7.67 -8.88
CA LYS A 189 -19.38 -7.02 -10.18
C LYS A 189 -18.52 -5.78 -10.36
N GLY A 190 -17.97 -5.26 -9.25
CA GLY A 190 -17.14 -4.08 -9.29
C GLY A 190 -15.67 -4.35 -9.02
N ILE A 191 -15.35 -4.65 -7.77
CA ILE A 191 -13.97 -4.84 -7.36
C ILE A 191 -13.37 -6.09 -8.00
N GLU A 192 -14.06 -7.21 -7.87
CA GLU A 192 -13.59 -8.50 -8.36
C GLU A 192 -13.48 -8.51 -9.90
N ARG A 193 -14.54 -8.03 -10.55
CA ARG A 193 -14.57 -7.93 -12.00
C ARG A 193 -13.39 -7.10 -12.52
N PHE A 194 -13.07 -6.02 -11.82
CA PHE A 194 -11.96 -5.17 -12.21
C PHE A 194 -10.61 -5.83 -11.92
N ALA A 195 -10.55 -6.62 -10.85
CA ALA A 195 -9.31 -7.31 -10.49
C ALA A 195 -8.95 -8.35 -11.55
N LYS A 196 -9.97 -8.90 -12.19
CA LYS A 196 -9.78 -9.89 -13.25
C LYS A 196 -9.27 -9.26 -14.54
N ILE A 197 -9.47 -7.95 -14.68
CA ILE A 197 -9.00 -7.23 -15.85
C ILE A 197 -7.67 -6.56 -15.57
N ALA A 198 -7.59 -5.86 -14.44
CA ALA A 198 -6.41 -5.07 -14.09
C ALA A 198 -5.14 -5.89 -13.92
N MET A 199 -5.23 -6.97 -13.13
CA MET A 199 -4.07 -7.79 -12.83
C MET A 199 -3.37 -8.40 -14.06
N PRO A 200 -4.14 -8.94 -15.02
CA PRO A 200 -3.45 -9.36 -16.25
C PRO A 200 -2.83 -8.17 -16.97
N THR A 201 -3.61 -7.10 -17.15
CA THR A 201 -3.12 -5.88 -17.81
C THR A 201 -1.85 -5.38 -17.14
N LEU A 202 -1.82 -5.51 -15.82
CA LEU A 202 -0.66 -5.13 -15.02
C LEU A 202 0.54 -6.01 -15.37
N PHE A 203 0.31 -7.32 -15.38
CA PHE A 203 1.37 -8.29 -15.65
C PHE A 203 1.97 -8.11 -17.05
N ILE A 204 1.12 -7.80 -18.02
CA ILE A 204 1.57 -7.61 -19.40
C ILE A 204 2.47 -6.38 -19.50
N LEU A 205 2.04 -5.30 -18.86
CA LEU A 205 2.77 -4.04 -18.86
C LEU A 205 4.12 -4.21 -18.17
N ALA A 206 4.14 -4.93 -17.07
CA ALA A 206 5.38 -5.16 -16.35
C ALA A 206 6.37 -5.91 -17.22
N VAL A 207 5.91 -7.00 -17.82
CA VAL A 207 6.76 -7.82 -18.67
C VAL A 207 7.32 -7.02 -19.84
N PHE A 208 6.45 -6.29 -20.52
CA PHE A 208 6.85 -5.44 -21.64
C PHE A 208 7.93 -4.43 -21.25
N LEU A 209 7.77 -3.80 -20.08
CA LEU A 209 8.75 -2.84 -19.61
C LEU A 209 10.04 -3.54 -19.20
N VAL A 210 9.93 -4.69 -18.56
CA VAL A 210 11.07 -5.53 -18.22
C VAL A 210 11.92 -5.83 -19.44
N ILE A 211 11.27 -6.30 -20.51
CA ILE A 211 11.96 -6.62 -21.75
C ILE A 211 12.63 -5.38 -22.35
N ARG A 212 11.92 -4.27 -22.33
CA ARG A 212 12.43 -3.03 -22.90
C ARG A 212 13.61 -2.48 -22.12
N VAL A 213 13.62 -2.73 -20.82
CA VAL A 213 14.69 -2.26 -19.96
C VAL A 213 15.96 -3.08 -20.19
N PHE A 214 15.80 -4.38 -20.39
CA PHE A 214 16.95 -5.25 -20.61
C PHE A 214 17.71 -4.88 -21.89
N LEU A 215 16.99 -4.31 -22.86
CA LEU A 215 17.60 -3.91 -24.12
C LEU A 215 18.24 -2.54 -24.06
N LEU A 216 18.15 -1.88 -22.91
CA LEU A 216 18.73 -0.55 -22.74
C LEU A 216 20.24 -0.59 -22.70
N GLU A 217 20.87 0.05 -23.68
CA GLU A 217 22.32 0.14 -23.73
C GLU A 217 22.74 1.59 -23.90
N THR A 218 23.47 2.11 -22.92
CA THR A 218 24.03 3.47 -23.00
C THR A 218 25.53 3.40 -22.77
N PRO A 219 26.27 4.44 -23.20
CA PRO A 219 27.70 4.54 -22.93
C PRO A 219 28.03 4.38 -21.44
N ASN A 220 27.09 4.75 -20.57
CA ASN A 220 27.31 4.67 -19.13
C ASN A 220 27.15 3.27 -18.53
N GLY A 221 26.41 2.40 -19.21
CA GLY A 221 26.22 1.04 -18.72
C GLY A 221 25.09 0.29 -19.40
N THR A 222 24.74 -0.86 -18.84
CA THR A 222 23.66 -1.68 -19.36
C THR A 222 22.70 -2.10 -18.25
N ALA A 223 21.60 -2.72 -18.62
CA ALA A 223 20.63 -3.20 -17.65
C ALA A 223 21.21 -4.32 -16.80
N ALA A 224 22.09 -5.12 -17.41
CA ALA A 224 22.76 -6.20 -16.70
C ALA A 224 23.54 -5.65 -15.52
N ASP A 225 24.11 -4.46 -15.67
CA ASP A 225 24.81 -3.80 -14.59
C ASP A 225 23.85 -3.46 -13.46
N GLY A 226 22.62 -3.13 -13.83
CA GLY A 226 21.59 -2.81 -12.85
C GLY A 226 21.19 -4.02 -12.03
N LEU A 227 20.88 -5.11 -12.71
CA LEU A 227 20.56 -6.37 -12.04
C LEU A 227 21.76 -6.88 -11.26
N ASN A 228 22.95 -6.52 -11.72
CA ASN A 228 24.18 -6.86 -11.01
C ASN A 228 24.28 -6.12 -9.68
N PHE A 229 24.28 -4.79 -9.76
CA PHE A 229 24.38 -3.93 -8.57
C PHE A 229 23.28 -4.21 -7.56
N LEU A 230 22.11 -4.59 -8.05
CA LEU A 230 20.96 -4.80 -7.19
C LEU A 230 21.00 -6.14 -6.46
N TRP A 231 21.45 -7.18 -7.14
CA TRP A 231 21.39 -8.53 -6.58
C TRP A 231 22.70 -9.05 -6.01
N THR A 232 23.80 -8.35 -6.27
CA THR A 232 25.08 -8.72 -5.67
C THR A 232 24.99 -8.56 -4.15
N PRO A 233 25.08 -9.69 -3.42
CA PRO A 233 24.90 -9.72 -1.97
C PRO A 233 26.03 -9.06 -1.19
N ASP A 234 25.69 -8.17 -0.28
CA ASP A 234 26.66 -7.57 0.63
C ASP A 234 26.36 -8.03 2.05
N PHE A 235 26.83 -9.21 2.40
CA PHE A 235 26.49 -9.86 3.67
C PHE A 235 26.97 -9.09 4.91
N GLU A 236 27.90 -8.16 4.72
CA GLU A 236 28.45 -7.39 5.83
C GLU A 236 27.41 -6.47 6.45
N LYS A 237 26.35 -6.19 5.69
CA LYS A 237 25.29 -5.32 6.16
C LYS A 237 24.27 -6.05 7.03
N LEU A 238 24.29 -7.39 6.97
CA LEU A 238 23.39 -8.21 7.76
C LEU A 238 23.67 -8.08 9.26
N LYS A 239 24.84 -7.55 9.60
CA LYS A 239 25.20 -7.30 10.99
C LYS A 239 24.36 -6.16 11.55
N ASP A 240 24.00 -5.22 10.69
CA ASP A 240 23.19 -4.07 11.08
C ASP A 240 21.77 -4.50 11.43
N PRO A 241 21.32 -4.16 12.66
CA PRO A 241 19.93 -4.39 13.06
C PRO A 241 18.96 -3.59 12.21
N GLY A 242 19.39 -2.41 11.76
CA GLY A 242 18.57 -1.53 10.96
C GLY A 242 18.09 -2.19 9.68
N VAL A 243 18.93 -3.05 9.12
CA VAL A 243 18.57 -3.83 7.94
C VAL A 243 17.46 -4.81 8.31
N TRP A 244 17.63 -5.46 9.45
CA TRP A 244 16.63 -6.42 9.93
C TRP A 244 15.32 -5.73 10.29
N ILE A 245 15.40 -4.44 10.63
CA ILE A 245 14.21 -3.65 10.92
C ILE A 245 13.53 -3.19 9.62
N ALA A 246 14.32 -2.80 8.64
CA ALA A 246 13.81 -2.37 7.35
C ALA A 246 13.07 -3.50 6.66
N ALA A 247 13.58 -4.72 6.80
CA ALA A 247 12.95 -5.88 6.18
C ALA A 247 11.59 -6.18 6.78
N VAL A 248 11.51 -6.13 8.10
CA VAL A 248 10.25 -6.39 8.82
C VAL A 248 9.22 -5.31 8.50
N GLY A 249 9.68 -4.07 8.42
CA GLY A 249 8.81 -2.97 8.05
C GLY A 249 8.32 -3.09 6.62
N GLN A 250 9.21 -3.52 5.72
CA GLN A 250 8.88 -3.64 4.31
C GLN A 250 7.81 -4.71 4.07
N ILE A 251 7.89 -5.77 4.86
CA ILE A 251 6.92 -6.86 4.79
C ILE A 251 5.50 -6.36 5.06
N PHE A 252 5.36 -5.60 6.14
CA PHE A 252 4.13 -4.89 6.46
C PHE A 252 3.63 -4.09 5.27
N PHE A 253 4.50 -3.25 4.74
CA PHE A 253 4.15 -2.43 3.59
C PHE A 253 3.82 -3.24 2.35
N SER A 254 4.61 -4.26 2.05
CA SER A 254 4.37 -4.98 0.80
C SER A 254 3.08 -5.80 0.82
N LEU A 255 2.80 -6.45 1.95
CA LEU A 255 1.59 -7.27 2.06
C LEU A 255 0.36 -6.45 2.34
N GLY A 256 0.53 -5.30 3.00
CA GLY A 256 -0.59 -4.47 3.37
C GLY A 256 -1.20 -4.88 4.70
N LEU A 257 -0.33 -5.20 5.66
CA LEU A 257 -0.77 -5.61 6.98
C LEU A 257 -0.96 -4.40 7.89
N GLY A 258 -1.92 -4.50 8.82
CA GLY A 258 -2.16 -3.44 9.78
C GLY A 258 -2.99 -2.28 9.26
N PHE A 259 -3.67 -2.50 8.14
CA PHE A 259 -4.50 -1.46 7.52
C PHE A 259 -6.00 -1.78 7.63
N GLY A 260 -6.32 -2.99 8.09
CA GLY A 260 -7.71 -3.41 8.22
C GLY A 260 -8.40 -3.62 6.88
N VAL A 261 -7.61 -3.70 5.82
CA VAL A 261 -8.16 -3.91 4.49
C VAL A 261 -8.37 -5.40 4.23
N LEU A 262 -7.36 -6.20 4.53
CA LEU A 262 -7.43 -7.65 4.38
C LEU A 262 -8.60 -8.20 5.16
N ILE A 263 -8.75 -7.72 6.39
CA ILE A 263 -9.87 -8.09 7.24
C ILE A 263 -11.21 -7.84 6.53
N THR A 264 -11.39 -6.62 6.04
CA THR A 264 -12.62 -6.23 5.37
C THR A 264 -12.88 -7.06 4.12
N PHE A 265 -11.81 -7.37 3.39
CA PHE A 265 -11.95 -8.16 2.17
C PHE A 265 -12.32 -9.60 2.50
N ALA A 266 -11.60 -10.18 3.46
CA ALA A 266 -11.83 -11.55 3.88
C ALA A 266 -13.21 -11.75 4.50
N SER A 267 -13.87 -10.66 4.87
CA SER A 267 -15.21 -10.73 5.43
C SER A 267 -16.25 -10.96 4.34
N TYR A 268 -15.81 -10.94 3.09
CA TYR A 268 -16.70 -11.24 1.98
C TYR A 268 -16.50 -12.68 1.53
N VAL A 269 -15.54 -13.36 2.16
CA VAL A 269 -15.34 -14.78 1.99
C VAL A 269 -16.39 -15.54 2.79
N ARG A 270 -16.96 -16.59 2.19
CA ARG A 270 -18.01 -17.36 2.86
C ARG A 270 -17.49 -18.16 4.06
N LYS A 271 -18.41 -18.52 4.95
CA LYS A 271 -18.05 -19.03 6.28
C LYS A 271 -17.06 -20.20 6.32
N ASP A 272 -17.16 -21.11 5.35
CA ASP A 272 -16.33 -22.32 5.36
C ASP A 272 -15.37 -22.42 4.18
N GLN A 273 -15.22 -21.33 3.44
CA GLN A 273 -14.34 -21.29 2.27
C GLN A 273 -12.88 -21.14 2.71
N ASP A 274 -11.95 -21.66 1.91
CA ASP A 274 -10.53 -21.64 2.26
C ASP A 274 -9.94 -20.23 2.31
N ILE A 275 -9.17 -19.97 3.36
CA ILE A 275 -8.43 -18.72 3.47
C ILE A 275 -6.95 -19.01 3.63
N VAL A 276 -6.62 -20.25 3.98
CA VAL A 276 -5.23 -20.65 4.21
C VAL A 276 -4.41 -20.61 2.93
N LEU A 277 -4.83 -21.40 1.94
CA LEU A 277 -4.10 -21.50 0.68
C LEU A 277 -4.29 -20.25 -0.16
N SER A 278 -5.51 -19.71 -0.14
CA SER A 278 -5.85 -18.53 -0.93
C SER A 278 -4.97 -17.33 -0.55
N GLY A 279 -4.87 -17.06 0.75
CA GLY A 279 -4.04 -15.99 1.23
C GLY A 279 -2.58 -16.20 0.88
N LEU A 280 -2.09 -17.41 1.13
CA LEU A 280 -0.71 -17.77 0.84
C LEU A 280 -0.39 -17.60 -0.65
N THR A 281 -1.42 -17.73 -1.48
CA THR A 281 -1.26 -17.57 -2.92
C THR A 281 -1.11 -16.11 -3.31
N ALA A 282 -2.06 -15.30 -2.87
CA ALA A 282 -2.05 -13.86 -3.12
C ALA A 282 -0.79 -13.22 -2.56
N ALA A 283 -0.31 -13.76 -1.45
CA ALA A 283 0.92 -13.28 -0.85
C ALA A 283 2.09 -13.61 -1.77
N THR A 284 2.01 -14.75 -2.44
CA THR A 284 3.09 -15.20 -3.31
C THR A 284 3.10 -14.43 -4.62
N LEU A 285 1.91 -14.10 -5.13
CA LEU A 285 1.77 -13.26 -6.30
C LEU A 285 2.43 -11.91 -6.09
N ASN A 286 2.17 -11.33 -4.92
CA ASN A 286 2.76 -10.04 -4.58
C ASN A 286 4.28 -10.09 -4.55
N GLU A 287 4.84 -11.10 -3.92
CA GLU A 287 6.28 -11.21 -3.77
C GLU A 287 6.98 -11.48 -5.10
N LYS A 288 6.29 -12.22 -5.98
CA LYS A 288 6.81 -12.46 -7.32
C LYS A 288 6.82 -11.14 -8.09
N ALA A 289 5.73 -10.40 -8.01
CA ALA A 289 5.63 -9.09 -8.64
C ALA A 289 6.72 -8.14 -8.16
N SER A 290 7.14 -8.30 -6.91
CA SER A 290 8.19 -7.44 -6.36
C SER A 290 9.57 -7.81 -6.89
N VAL A 291 10.00 -9.04 -6.59
CA VAL A 291 11.38 -9.43 -6.88
C VAL A 291 11.65 -9.66 -8.37
N ILE A 292 10.63 -10.08 -9.11
CA ILE A 292 10.81 -10.43 -10.51
C ILE A 292 10.56 -9.25 -11.45
N LEU A 293 9.44 -8.56 -11.23
CA LEU A 293 9.07 -7.46 -12.12
C LEU A 293 9.59 -6.10 -11.63
N GLY A 294 9.28 -5.76 -10.38
CA GLY A 294 9.66 -4.47 -9.83
C GLY A 294 11.15 -4.26 -9.73
N GLY A 295 11.88 -5.30 -9.34
CA GLY A 295 13.32 -5.21 -9.21
C GLY A 295 14.03 -5.25 -10.55
N SER A 296 13.28 -5.41 -11.63
CA SER A 296 13.89 -5.56 -12.95
C SER A 296 13.66 -4.36 -13.86
N ILE A 297 12.93 -3.35 -13.38
CA ILE A 297 12.61 -2.19 -14.19
C ILE A 297 13.30 -0.92 -13.69
N SER A 298 12.90 -0.46 -12.52
CA SER A 298 13.32 0.83 -11.98
C SER A 298 14.83 0.98 -11.79
N ILE A 299 15.41 0.15 -10.93
CA ILE A 299 16.85 0.21 -10.66
C ILE A 299 17.75 -0.10 -11.86
N PRO A 300 17.48 -1.20 -12.60
CA PRO A 300 18.35 -1.49 -13.75
C PRO A 300 18.39 -0.35 -14.77
N ALA A 301 17.23 0.20 -15.10
CA ALA A 301 17.16 1.31 -16.05
C ALA A 301 17.96 2.50 -15.55
N ALA A 302 17.87 2.77 -14.26
CA ALA A 302 18.56 3.90 -13.65
C ALA A 302 20.07 3.73 -13.75
N VAL A 303 20.54 2.51 -13.51
CA VAL A 303 21.96 2.20 -13.61
C VAL A 303 22.42 2.16 -15.06
N ALA A 304 21.58 1.61 -15.93
CA ALA A 304 21.90 1.51 -17.35
C ALA A 304 22.20 2.87 -17.97
N PHE A 305 21.49 3.90 -17.50
CA PHE A 305 21.63 5.23 -18.07
C PHE A 305 22.66 6.10 -17.33
N PHE A 306 22.69 5.97 -16.00
CA PHE A 306 23.58 6.82 -15.21
C PHE A 306 24.83 6.10 -14.72
N GLY A 307 24.96 4.83 -15.09
CA GLY A 307 26.14 4.06 -14.71
C GLY A 307 26.04 3.53 -13.29
N VAL A 308 26.75 2.44 -13.03
CA VAL A 308 26.75 1.81 -11.72
C VAL A 308 27.49 2.70 -10.71
N ALA A 309 28.18 3.71 -11.22
CA ALA A 309 28.89 4.68 -10.39
C ALA A 309 27.93 5.51 -9.54
N ASN A 310 26.78 5.82 -10.12
CA ASN A 310 25.77 6.64 -9.42
C ASN A 310 24.69 5.79 -8.80
N ALA A 311 24.88 4.48 -8.86
CA ALA A 311 23.87 3.52 -8.40
C ALA A 311 23.55 3.68 -6.91
N VAL A 312 24.54 4.09 -6.14
CA VAL A 312 24.36 4.34 -4.73
C VAL A 312 23.60 5.65 -4.53
N ALA A 313 24.03 6.69 -5.25
CA ALA A 313 23.38 7.99 -5.19
C ALA A 313 21.92 7.92 -5.64
N ILE A 314 21.66 7.10 -6.66
CA ILE A 314 20.32 6.92 -7.18
C ILE A 314 19.41 6.30 -6.14
N ALA A 315 19.91 5.27 -5.46
CA ALA A 315 19.15 4.57 -4.43
C ALA A 315 18.86 5.47 -3.24
N LYS A 316 19.83 6.30 -2.86
CA LYS A 316 19.67 7.21 -1.74
C LYS A 316 18.76 8.40 -2.09
N ALA A 317 18.49 8.59 -3.37
CA ALA A 317 17.66 9.69 -3.82
C ALA A 317 16.18 9.48 -3.45
N GLY A 318 15.84 8.27 -3.04
CA GLY A 318 14.48 7.96 -2.65
C GLY A 318 13.66 7.34 -3.76
N ALA A 319 12.70 6.50 -3.37
CA ALA A 319 11.83 5.80 -4.32
C ALA A 319 10.98 6.78 -5.13
N PHE A 320 10.56 7.86 -4.49
CA PHE A 320 9.72 8.83 -5.16
C PHE A 320 10.43 9.54 -6.31
N ASN A 321 11.70 9.89 -6.10
CA ASN A 321 12.50 10.52 -7.15
C ASN A 321 12.74 9.57 -8.32
N LEU A 322 13.01 8.32 -7.98
CA LEU A 322 13.32 7.30 -8.97
C LEU A 322 12.16 7.13 -9.95
N GLY A 323 10.94 7.19 -9.44
CA GLY A 323 9.77 6.89 -10.24
C GLY A 323 9.10 8.07 -10.92
N PHE A 324 9.33 9.27 -10.42
CA PHE A 324 8.64 10.45 -10.91
C PHE A 324 9.56 11.48 -11.56
N ILE A 325 10.86 11.35 -11.33
CA ILE A 325 11.83 12.24 -11.95
C ILE A 325 12.87 11.49 -12.77
N THR A 326 13.54 10.53 -12.14
CA THR A 326 14.61 9.79 -12.78
C THR A 326 14.13 8.99 -14.00
N LEU A 327 13.14 8.14 -13.80
CA LEU A 327 12.63 7.30 -14.89
C LEU A 327 11.95 8.07 -16.03
N PRO A 328 11.20 9.13 -15.72
CA PRO A 328 10.71 9.95 -16.84
C PRO A 328 11.85 10.58 -17.64
N ALA A 329 12.94 10.93 -16.98
CA ALA A 329 14.06 11.60 -17.63
C ALA A 329 14.83 10.65 -18.55
N ILE A 330 14.98 9.41 -18.10
CA ILE A 330 15.65 8.38 -18.89
C ILE A 330 14.85 8.05 -20.14
N PHE A 331 13.53 7.96 -19.98
CA PHE A 331 12.65 7.66 -21.10
C PHE A 331 12.73 8.71 -22.21
N SER A 332 12.75 9.99 -21.83
CA SER A 332 12.85 11.07 -22.80
C SER A 332 14.09 10.98 -23.69
N GLN A 333 15.06 10.18 -23.26
CA GLN A 333 16.32 10.04 -23.99
C GLN A 333 16.39 8.72 -24.75
N THR A 334 15.30 7.97 -24.76
CA THR A 334 15.26 6.69 -25.45
C THR A 334 14.33 6.73 -26.66
N ALA A 335 14.52 5.79 -27.58
CA ALA A 335 13.68 5.71 -28.78
C ALA A 335 12.24 5.37 -28.38
N GLY A 336 11.32 6.26 -28.75
CA GLY A 336 9.93 6.13 -28.38
C GLY A 336 9.69 6.16 -26.87
N GLY A 337 10.59 6.82 -26.16
CA GLY A 337 10.56 6.84 -24.71
C GLY A 337 9.36 7.55 -24.12
N THR A 338 8.75 8.42 -24.92
CA THR A 338 7.59 9.17 -24.47
C THR A 338 6.39 8.22 -24.31
N PHE A 339 6.38 7.16 -25.12
CA PHE A 339 5.36 6.13 -25.01
C PHE A 339 5.72 5.16 -23.89
N LEU A 340 7.02 5.00 -23.67
CA LEU A 340 7.52 4.20 -22.55
C LEU A 340 7.12 4.82 -21.23
N GLY A 341 7.12 6.14 -21.16
CA GLY A 341 6.69 6.85 -19.98
C GLY A 341 5.23 6.60 -19.70
N PHE A 342 4.43 6.59 -20.77
CA PHE A 342 2.99 6.34 -20.67
C PHE A 342 2.69 4.95 -20.15
N LEU A 343 3.45 3.96 -20.59
CA LEU A 343 3.21 2.60 -20.13
C LEU A 343 3.58 2.51 -18.67
N TRP A 344 4.69 3.14 -18.32
CA TRP A 344 5.18 3.18 -16.95
C TRP A 344 4.14 3.76 -16.00
N PHE A 345 3.66 4.95 -16.31
CA PHE A 345 2.69 5.61 -15.46
C PHE A 345 1.33 4.91 -15.45
N PHE A 346 0.96 4.35 -16.59
CA PHE A 346 -0.30 3.60 -16.69
C PHE A 346 -0.18 2.30 -15.89
N LEU A 347 1.00 1.71 -15.90
CA LEU A 347 1.27 0.56 -15.05
C LEU A 347 1.09 0.95 -13.57
N LEU A 348 1.72 2.05 -13.18
CA LEU A 348 1.62 2.55 -11.80
C LEU A 348 0.17 2.89 -11.44
N PHE A 349 -0.53 3.57 -12.34
CA PHE A 349 -1.91 3.99 -12.10
C PHE A 349 -2.84 2.82 -11.76
N PHE A 350 -2.76 1.73 -12.51
CA PHE A 350 -3.57 0.56 -12.21
C PHE A 350 -3.13 -0.08 -10.90
N ALA A 351 -1.83 -0.11 -10.66
CA ALA A 351 -1.30 -0.72 -9.45
C ALA A 351 -1.80 0.00 -8.20
N GLY A 352 -2.05 1.30 -8.32
CA GLY A 352 -2.61 2.07 -7.23
C GLY A 352 -4.13 1.94 -7.19
N LEU A 353 -4.76 1.93 -8.36
CA LEU A 353 -6.22 1.87 -8.45
C LEU A 353 -6.79 0.57 -7.91
N THR A 354 -6.01 -0.51 -7.96
CA THR A 354 -6.45 -1.77 -7.40
C THR A 354 -6.27 -1.76 -5.89
N SER A 355 -5.42 -0.86 -5.41
CA SER A 355 -5.15 -0.75 -3.99
C SER A 355 -6.09 0.26 -3.32
N SER A 356 -6.39 1.34 -4.03
CA SER A 356 -7.19 2.41 -3.43
C SER A 356 -8.67 2.04 -3.30
N ILE A 357 -9.20 1.26 -4.23
CA ILE A 357 -10.56 0.77 -4.10
C ILE A 357 -10.66 -0.19 -2.93
N ALA A 358 -9.56 -0.88 -2.66
CA ALA A 358 -9.49 -1.85 -1.58
C ALA A 358 -9.50 -1.16 -0.22
N GLY A 359 -8.77 -0.05 -0.13
CA GLY A 359 -8.67 0.69 1.12
C GLY A 359 -9.92 1.48 1.44
N MET A 360 -10.64 1.90 0.42
CA MET A 360 -11.86 2.67 0.64
C MET A 360 -13.07 1.77 0.94
N GLN A 361 -12.89 0.46 0.80
CA GLN A 361 -13.95 -0.51 1.04
C GLN A 361 -14.27 -0.64 2.54
N GLY A 362 -13.25 -0.41 3.38
CA GLY A 362 -13.43 -0.48 4.82
C GLY A 362 -14.49 0.47 5.34
N MET A 363 -14.47 1.70 4.86
CA MET A 363 -15.46 2.69 5.26
C MET A 363 -16.82 2.38 4.63
N ILE A 364 -16.80 1.93 3.38
CA ILE A 364 -18.01 1.49 2.69
C ILE A 364 -18.67 0.33 3.45
N ALA A 365 -17.85 -0.61 3.91
CA ALA A 365 -18.31 -1.74 4.70
C ALA A 365 -18.91 -1.31 6.04
N PHE A 366 -18.24 -0.39 6.74
CA PHE A 366 -18.73 0.08 8.03
C PHE A 366 -20.10 0.72 7.92
N LEU A 367 -20.25 1.62 6.95
CA LEU A 367 -21.51 2.34 6.77
C LEU A 367 -22.65 1.40 6.42
N GLU A 368 -22.31 0.31 5.73
CA GLU A 368 -23.29 -0.71 5.37
C GLU A 368 -23.64 -1.58 6.57
N ASP A 369 -22.61 -2.18 7.16
CA ASP A 369 -22.81 -3.14 8.23
C ASP A 369 -23.36 -2.55 9.54
N GLU A 370 -22.91 -1.35 9.88
CA GLU A 370 -23.19 -0.81 11.21
C GLU A 370 -24.21 0.33 11.19
N LEU A 371 -24.23 1.10 10.13
CA LEU A 371 -25.18 2.20 10.00
C LEU A 371 -26.26 1.91 8.95
N LYS A 372 -26.19 0.72 8.38
CA LYS A 372 -27.21 0.22 7.46
C LYS A 372 -27.48 1.14 6.27
N LEU A 373 -26.43 1.69 5.68
CA LEU A 373 -26.56 2.51 4.49
C LEU A 373 -26.56 1.64 3.24
N SER A 374 -27.25 2.09 2.20
CA SER A 374 -27.19 1.42 0.92
C SER A 374 -25.77 1.51 0.41
N ARG A 375 -25.40 0.60 -0.49
CA ARG A 375 -24.06 0.62 -1.05
C ARG A 375 -23.78 1.95 -1.75
N LYS A 376 -24.82 2.50 -2.40
CA LYS A 376 -24.67 3.78 -3.09
C LYS A 376 -24.29 4.90 -2.13
N HIS A 377 -25.06 5.03 -1.06
CA HIS A 377 -24.83 6.07 -0.06
C HIS A 377 -23.48 5.91 0.62
N ALA A 378 -23.18 4.67 1.02
CA ALA A 378 -21.92 4.39 1.71
C ALA A 378 -20.73 4.78 0.84
N VAL A 379 -20.81 4.49 -0.45
CA VAL A 379 -19.74 4.81 -1.39
C VAL A 379 -19.59 6.31 -1.58
N LEU A 380 -20.71 7.01 -1.75
CA LEU A 380 -20.69 8.46 -1.95
C LEU A 380 -20.19 9.22 -0.72
N TRP A 381 -20.71 8.90 0.46
CA TRP A 381 -20.26 9.55 1.68
C TRP A 381 -18.79 9.22 1.98
N THR A 382 -18.35 8.03 1.60
CA THR A 382 -16.94 7.69 1.76
C THR A 382 -16.10 8.55 0.82
N ALA A 383 -16.56 8.66 -0.43
CA ALA A 383 -15.84 9.47 -1.41
C ALA A 383 -15.80 10.94 -0.99
N ALA A 384 -16.92 11.42 -0.44
CA ALA A 384 -17.01 12.79 0.03
C ALA A 384 -15.99 13.08 1.13
N ILE A 385 -15.85 12.15 2.06
CA ILE A 385 -14.89 12.30 3.13
C ILE A 385 -13.45 12.27 2.61
N VAL A 386 -13.15 11.29 1.76
CA VAL A 386 -11.81 11.17 1.20
C VAL A 386 -11.47 12.36 0.31
N PHE A 387 -12.45 12.80 -0.49
CA PHE A 387 -12.26 13.96 -1.35
C PHE A 387 -11.95 15.21 -0.52
N PHE A 388 -12.75 15.44 0.52
CA PHE A 388 -12.59 16.60 1.39
C PHE A 388 -11.20 16.66 2.03
N SER A 389 -10.81 15.60 2.74
CA SER A 389 -9.54 15.57 3.46
C SER A 389 -8.33 15.75 2.55
N ALA A 390 -8.45 15.30 1.30
CA ALA A 390 -7.36 15.38 0.35
C ALA A 390 -6.89 16.81 0.11
N HIS A 391 -7.79 17.77 0.29
CA HIS A 391 -7.43 19.17 0.15
C HIS A 391 -6.33 19.60 1.12
N LEU A 392 -6.21 18.91 2.24
CA LEU A 392 -5.13 19.17 3.16
C LEU A 392 -3.83 18.72 2.53
N VAL A 393 -3.88 17.57 1.88
CA VAL A 393 -2.72 16.97 1.22
C VAL A 393 -2.36 17.76 -0.05
N MET A 394 -3.39 18.21 -0.76
CA MET A 394 -3.23 19.01 -1.97
C MET A 394 -2.65 20.41 -1.73
N PHE A 395 -3.00 21.04 -0.62
CA PHE A 395 -2.64 22.45 -0.43
C PHE A 395 -1.64 22.74 0.68
N LEU A 396 -1.54 21.84 1.65
CA LEU A 396 -0.63 22.06 2.75
C LEU A 396 0.64 21.25 2.55
N ASN A 397 1.76 21.95 2.45
CA ASN A 397 3.05 21.31 2.26
C ASN A 397 3.41 20.43 3.45
N LYS A 398 3.90 19.23 3.16
CA LYS A 398 4.33 18.26 4.18
C LYS A 398 3.19 17.69 5.02
N SER A 399 1.96 18.08 4.69
CA SER A 399 0.79 17.48 5.30
C SER A 399 0.79 15.98 4.99
N LEU A 400 1.07 15.66 3.72
CA LEU A 400 1.14 14.29 3.22
C LEU A 400 2.10 13.43 4.03
N ASP A 401 3.28 13.99 4.29
CA ASP A 401 4.31 13.27 5.04
C ASP A 401 3.86 13.00 6.47
N GLU A 402 3.09 13.91 7.04
CA GLU A 402 2.65 13.77 8.42
C GLU A 402 1.58 12.69 8.55
N MET A 403 0.64 12.65 7.60
CA MET A 403 -0.36 11.60 7.57
C MET A 403 0.27 10.23 7.40
N ASP A 404 1.26 10.15 6.51
CA ASP A 404 1.93 8.89 6.21
C ASP A 404 2.75 8.40 7.39
N PHE A 405 3.32 9.33 8.14
CA PHE A 405 4.08 8.97 9.32
C PHE A 405 3.20 8.33 10.38
N TRP A 406 2.06 8.95 10.67
CA TRP A 406 1.19 8.45 11.73
C TRP A 406 0.40 7.22 11.32
N ALA A 407 -0.23 7.29 10.15
CA ALA A 407 -1.07 6.21 9.67
C ALA A 407 -0.29 4.94 9.36
N THR A 408 0.88 5.08 8.73
CA THR A 408 1.63 3.91 8.27
C THR A 408 2.99 3.76 8.94
N GLY A 409 3.17 4.45 10.06
CA GLY A 409 4.36 4.31 10.86
C GLY A 409 4.00 3.68 12.19
N ILE A 410 3.32 4.44 13.04
CA ILE A 410 2.77 3.88 14.26
C ILE A 410 1.60 2.98 13.92
N GLY A 411 0.74 3.44 13.01
CA GLY A 411 -0.55 2.85 12.79
C GLY A 411 -0.56 1.36 12.52
N VAL A 412 0.06 0.94 11.43
CA VAL A 412 -0.01 -0.45 11.00
C VAL A 412 0.74 -1.41 11.90
N VAL A 413 1.87 -0.97 12.44
CA VAL A 413 2.68 -1.83 13.30
C VAL A 413 2.02 -1.99 14.66
N PHE A 414 1.46 -0.90 15.19
CA PHE A 414 0.74 -0.95 16.46
C PHE A 414 -0.56 -1.75 16.31
N PHE A 415 -1.36 -1.38 15.32
CA PHE A 415 -2.64 -2.03 15.09
C PHE A 415 -2.48 -3.49 14.68
N GLY A 416 -1.34 -3.81 14.09
CA GLY A 416 -1.03 -5.18 13.73
C GLY A 416 -0.84 -6.04 14.97
N LEU A 417 -0.08 -5.50 15.92
CA LEU A 417 0.15 -6.16 17.20
C LEU A 417 -1.15 -6.27 18.00
N THR A 418 -2.03 -5.30 17.81
CA THR A 418 -3.32 -5.30 18.48
C THR A 418 -4.19 -6.41 17.93
N GLU A 419 -4.06 -6.67 16.63
CA GLU A 419 -4.77 -7.76 15.98
C GLU A 419 -4.34 -9.11 16.53
N LEU A 420 -3.04 -9.27 16.73
CA LEU A 420 -2.47 -10.50 17.28
C LEU A 420 -3.00 -10.78 18.68
N ILE A 421 -2.79 -9.83 19.56
CA ILE A 421 -3.15 -9.97 20.97
C ILE A 421 -4.64 -10.25 21.16
N ILE A 422 -5.49 -9.52 20.45
CA ILE A 422 -6.93 -9.69 20.58
C ILE A 422 -7.38 -11.08 20.09
N PHE A 423 -6.91 -11.45 18.91
CA PHE A 423 -7.32 -12.70 18.27
C PHE A 423 -6.67 -13.93 18.88
N PHE A 424 -5.35 -13.87 19.08
CA PHE A 424 -4.58 -15.03 19.50
C PHE A 424 -4.24 -15.11 20.98
N TRP A 425 -4.55 -14.06 21.73
CA TRP A 425 -4.28 -14.09 23.16
C TRP A 425 -5.55 -13.87 23.97
N ILE A 426 -6.35 -12.91 23.56
CA ILE A 426 -7.59 -12.59 24.27
C ILE A 426 -8.71 -13.53 23.85
N PHE A 427 -8.94 -13.61 22.56
CA PHE A 427 -9.99 -14.47 22.02
C PHE A 427 -9.65 -15.94 22.25
N GLY A 428 -8.36 -16.24 22.36
CA GLY A 428 -7.91 -17.59 22.60
C GLY A 428 -7.18 -18.18 21.41
N ALA A 429 -5.94 -18.59 21.63
CA ALA A 429 -5.10 -19.13 20.55
C ALA A 429 -5.69 -20.39 19.91
N ASP A 430 -6.27 -21.26 20.72
CA ASP A 430 -6.84 -22.51 20.24
C ASP A 430 -8.05 -22.28 19.34
N LYS A 431 -8.98 -21.45 19.81
CA LYS A 431 -10.17 -21.12 19.02
C LYS A 431 -9.76 -20.43 17.72
N ALA A 432 -8.70 -19.64 17.81
CA ALA A 432 -8.20 -18.87 16.67
C ALA A 432 -7.55 -19.77 15.63
N TRP A 433 -6.76 -20.73 16.09
CA TRP A 433 -6.09 -21.68 15.22
C TRP A 433 -7.09 -22.50 14.41
N GLU A 434 -8.20 -22.83 15.04
CA GLU A 434 -9.27 -23.54 14.35
C GLU A 434 -9.93 -22.62 13.34
N GLU A 435 -10.06 -21.34 13.70
CA GLU A 435 -10.72 -20.38 12.84
C GLU A 435 -9.91 -20.13 11.56
N ILE A 436 -8.59 -20.26 11.68
CA ILE A 436 -7.72 -20.11 10.52
C ILE A 436 -7.81 -21.33 9.60
N ASN A 437 -7.61 -22.50 10.18
CA ASN A 437 -7.52 -23.74 9.41
C ASN A 437 -8.86 -24.29 8.90
N ARG A 438 -9.96 -23.80 9.46
CA ARG A 438 -11.28 -24.30 9.08
C ARG A 438 -11.58 -24.10 7.60
N GLY A 439 -12.04 -25.17 6.96
CA GLY A 439 -12.39 -25.12 5.55
C GLY A 439 -11.19 -24.95 4.65
N GLY A 440 -10.00 -25.17 5.21
CA GLY A 440 -8.77 -24.95 4.49
C GLY A 440 -8.42 -26.07 3.53
N ILE A 441 -8.10 -25.71 2.31
CA ILE A 441 -7.63 -26.68 1.32
C ILE A 441 -6.38 -27.36 1.86
N ILE A 442 -5.46 -26.55 2.36
CA ILE A 442 -4.30 -27.07 3.07
C ILE A 442 -4.33 -26.54 4.49
N LYS A 443 -3.67 -27.24 5.41
CA LYS A 443 -3.65 -26.81 6.80
C LYS A 443 -2.36 -26.05 7.09
N VAL A 444 -2.44 -25.08 7.99
CA VAL A 444 -1.25 -24.35 8.41
C VAL A 444 -0.35 -25.28 9.23
N PRO A 445 0.95 -25.32 8.89
CA PRO A 445 1.96 -26.10 9.60
C PRO A 445 1.87 -25.92 11.11
N ARG A 446 1.94 -27.04 11.84
CA ARG A 446 1.75 -27.04 13.29
C ARG A 446 2.75 -26.14 14.01
N ILE A 447 3.92 -25.95 13.41
CA ILE A 447 4.97 -25.12 13.98
C ILE A 447 4.56 -23.64 14.06
N TYR A 448 3.67 -23.24 13.14
CA TYR A 448 3.24 -21.85 13.06
C TYR A 448 2.40 -21.41 14.25
N TYR A 449 1.88 -22.36 15.01
CA TYR A 449 1.11 -22.04 16.22
C TYR A 449 1.98 -21.29 17.20
N TYR A 450 3.25 -21.67 17.26
CA TYR A 450 4.21 -21.04 18.18
C TYR A 450 4.65 -19.68 17.64
N VAL A 451 4.89 -19.62 16.34
CA VAL A 451 5.27 -18.38 15.69
C VAL A 451 4.21 -17.31 15.89
N MET A 452 2.95 -17.68 15.64
CA MET A 452 1.83 -16.77 15.79
C MET A 452 1.65 -16.30 17.23
N ARG A 453 2.03 -17.16 18.18
CA ARG A 453 1.77 -16.88 19.57
C ARG A 453 2.90 -16.15 20.29
N TYR A 454 4.14 -16.35 19.81
CA TYR A 454 5.29 -15.76 20.47
C TYR A 454 6.20 -14.98 19.52
N ILE A 455 6.67 -15.64 18.48
CA ILE A 455 7.66 -15.05 17.57
C ILE A 455 7.12 -13.83 16.84
N THR A 456 5.92 -13.96 16.28
CA THR A 456 5.29 -12.84 15.58
C THR A 456 5.07 -11.61 16.48
N PRO A 457 4.44 -11.79 17.66
CA PRO A 457 4.28 -10.58 18.49
C PRO A 457 5.59 -10.07 19.10
N ALA A 458 6.60 -10.94 19.21
CA ALA A 458 7.91 -10.53 19.71
C ALA A 458 8.56 -9.56 18.73
N PHE A 459 8.58 -9.96 17.46
CA PHE A 459 9.10 -9.13 16.40
C PHE A 459 8.38 -7.78 16.36
N LEU A 460 7.06 -7.83 16.40
CA LEU A 460 6.25 -6.62 16.31
C LEU A 460 6.51 -5.67 17.49
N ALA A 461 6.81 -6.23 18.66
CA ALA A 461 7.08 -5.42 19.84
C ALA A 461 8.44 -4.74 19.71
N VAL A 462 9.40 -5.45 19.13
CA VAL A 462 10.72 -4.90 18.88
C VAL A 462 10.65 -3.78 17.85
N LEU A 463 9.85 -3.99 16.81
CA LEU A 463 9.66 -2.97 15.79
C LEU A 463 9.00 -1.74 16.42
N LEU A 464 8.18 -1.98 17.45
CA LEU A 464 7.50 -0.89 18.13
C LEU A 464 8.49 -0.06 18.95
N VAL A 465 9.33 -0.74 19.74
CA VAL A 465 10.29 -0.07 20.58
C VAL A 465 11.40 0.58 19.75
N VAL A 466 11.79 -0.09 18.68
CA VAL A 466 12.81 0.46 17.79
C VAL A 466 12.26 1.69 17.09
N TRP A 467 10.99 1.62 16.68
CA TRP A 467 10.35 2.81 16.13
C TRP A 467 10.27 3.89 17.19
N ALA A 468 9.93 3.48 18.40
CA ALA A 468 9.75 4.44 19.49
C ALA A 468 10.99 5.28 19.74
N ARG A 469 12.06 4.63 20.18
CA ARG A 469 13.29 5.31 20.56
C ARG A 469 13.76 6.25 19.47
N GLU A 470 13.71 5.78 18.23
CA GLU A 470 14.17 6.56 17.10
C GLU A 470 13.22 7.70 16.72
N TYR A 471 11.92 7.48 16.89
CA TYR A 471 10.93 8.40 16.34
C TYR A 471 10.12 9.22 17.35
N ILE A 472 10.19 8.85 18.62
CA ILE A 472 9.58 9.66 19.66
C ILE A 472 10.17 11.08 19.70
N PRO A 473 11.50 11.22 19.49
CA PRO A 473 11.98 12.58 19.25
C PRO A 473 11.20 13.30 18.16
N THR A 479 9.91 19.47 13.39
CA THR A 479 9.03 19.79 12.27
C THR A 479 8.37 21.16 12.44
N HIS A 480 7.96 21.74 11.30
CA HIS A 480 7.30 23.04 11.28
C HIS A 480 5.99 22.98 12.06
N TRP A 481 5.54 24.13 12.53
CA TRP A 481 4.31 24.22 13.32
C TRP A 481 3.07 23.80 12.53
N THR A 482 3.16 23.82 11.20
CA THR A 482 2.02 23.50 10.36
C THR A 482 1.64 22.03 10.43
N VAL A 483 2.49 21.21 11.02
CA VAL A 483 2.16 19.80 11.20
C VAL A 483 0.98 19.66 12.17
N TRP A 484 0.86 20.61 13.10
CA TRP A 484 -0.21 20.56 14.08
C TRP A 484 -1.58 20.66 13.42
N ILE A 485 -1.62 21.30 12.26
CA ILE A 485 -2.85 21.36 11.48
C ILE A 485 -3.24 19.97 11.02
N THR A 486 -2.27 19.22 10.50
CA THR A 486 -2.52 17.87 10.02
C THR A 486 -2.85 16.96 11.20
N ARG A 487 -2.10 17.12 12.28
CA ARG A 487 -2.39 16.44 13.53
C ARG A 487 -3.77 16.80 14.07
N PHE A 488 -4.13 18.07 13.96
CA PHE A 488 -5.45 18.51 14.41
C PHE A 488 -6.54 17.79 13.65
N TYR A 489 -6.34 17.64 12.34
CA TYR A 489 -7.34 17.04 11.48
C TYR A 489 -7.46 15.53 11.66
N ILE A 490 -6.33 14.84 11.75
CA ILE A 490 -6.41 13.39 11.85
C ILE A 490 -6.87 12.95 13.24
N ILE A 491 -6.55 13.76 14.24
CA ILE A 491 -7.10 13.50 15.58
C ILE A 491 -8.62 13.68 15.53
N GLY A 492 -9.06 14.76 14.91
CA GLY A 492 -10.48 15.01 14.72
C GLY A 492 -11.19 13.89 13.99
N LEU A 493 -10.54 13.35 12.97
CA LEU A 493 -11.10 12.24 12.21
C LEU A 493 -11.34 11.02 13.09
N PHE A 494 -10.37 10.72 13.94
CA PHE A 494 -10.53 9.63 14.89
C PHE A 494 -11.74 9.89 15.80
N LEU A 495 -11.89 11.12 16.26
CA LEU A 495 -13.01 11.49 17.12
C LEU A 495 -14.34 11.28 16.40
N PHE A 496 -14.40 11.71 15.15
CA PHE A 496 -15.59 11.56 14.31
C PHE A 496 -15.95 10.10 14.05
N LEU A 497 -14.94 9.24 13.96
CA LEU A 497 -15.18 7.83 13.73
C LEU A 497 -15.66 7.19 15.02
N THR A 498 -15.10 7.66 16.13
CA THR A 498 -15.54 7.22 17.45
C THR A 498 -17.03 7.52 17.62
N PHE A 499 -17.45 8.69 17.15
CA PHE A 499 -18.84 9.09 17.24
C PHE A 499 -19.77 8.20 16.42
N LEU A 500 -19.36 7.86 15.20
CA LEU A 500 -20.16 6.97 14.36
C LEU A 500 -20.31 5.58 14.96
N VAL A 501 -19.21 5.07 15.52
CA VAL A 501 -19.24 3.80 16.22
C VAL A 501 -20.21 3.89 17.40
N PHE A 502 -20.16 5.01 18.11
CA PHE A 502 -21.09 5.27 19.19
C PHE A 502 -22.53 5.28 18.69
N LEU A 503 -22.76 5.92 17.54
CA LEU A 503 -24.10 5.98 16.97
C LEU A 503 -24.55 4.61 16.48
N ALA A 504 -23.57 3.80 16.06
CA ALA A 504 -23.85 2.47 15.55
C ALA A 504 -24.41 1.58 16.65
N GLU A 505 -23.87 1.71 17.85
CA GLU A 505 -24.30 0.86 18.96
C GLU A 505 -25.57 1.37 19.62
N ARG A 506 -25.90 2.64 19.40
CA ARG A 506 -27.14 3.19 19.92
C ARG A 506 -28.32 2.84 19.01
N ARG A 507 -28.01 2.59 17.74
CA ARG A 507 -29.04 2.20 16.79
C ARG A 507 -29.41 0.74 17.00
N ARG A 508 -28.41 -0.04 17.42
CA ARG A 508 -28.60 -1.48 17.59
C ARG A 508 -29.39 -1.81 18.85
N ASN A 509 -29.25 -0.97 19.87
CA ASN A 509 -30.01 -1.14 21.10
C ASN A 509 -31.48 -0.81 20.90
N HIS A 510 -31.76 0.10 19.97
CA HIS A 510 -33.13 0.47 19.64
C HIS A 510 -33.83 -0.67 18.90
N GLU A 511 -33.09 -1.32 17.99
CA GLU A 511 -33.64 -2.45 17.24
C GLU A 511 -33.26 -3.78 17.89
NA NA B . -2.87 -2.37 -6.39
NA NA C . 3.32 -5.07 -2.17
O1 29J D . -3.89 0.47 -0.30
C5 29J D . -3.25 1.31 0.66
C 29J D . -4.01 1.22 1.98
C4 29J D . -3.35 2.72 0.11
C3 29J D . -4.80 3.14 -0.06
C2 29J D . -5.57 3.06 1.24
C1 29J D . -5.46 1.67 1.84
C6 29J D . -1.82 0.80 0.87
C13 29J D . -1.32 0.01 -0.34
N 29J D . -0.58 -1.12 0.19
C15 29J D . -1.00 -2.47 -0.13
C14 29J D . 0.59 -0.95 1.04
C7 29J D . -0.82 1.86 1.19
C12 29J D . -0.02 2.41 0.20
C11 29J D . 0.89 3.40 0.53
C10 29J D . 1.03 3.82 1.85
O 29J D . 1.93 4.78 2.17
C9 29J D . 0.24 3.25 2.84
C8 29J D . -0.68 2.27 2.50
#